data_6OCH
#
_entry.id   6OCH
#
_cell.length_a   70.132
_cell.length_b   90.162
_cell.length_c   127.241
_cell.angle_alpha   90.000
_cell.angle_beta   90.000
_cell.angle_gamma   90.000
#
_symmetry.space_group_name_H-M   'P 21 21 21'
#
loop_
_entity.id
_entity.type
_entity.pdbx_description
1 polymer 'Tubulinyl-Tyr carboxypeptidase 1'
2 polymer 'Small vasohibin-binding protein'
3 non-polymer parthenolide
4 non-polymer GLYCEROL
5 non-polymer 'SULFATE ION'
6 water water
#
loop_
_entity_poly.entity_id
_entity_poly.type
_entity_poly.pdbx_seq_one_letter_code
_entity_poly.pdbx_strand_id
1 'polypeptide(L)'
;FVNRGGLPVDEATWERMWKHVAKIHPDGEKVAQRIRGATDLPKIPIPSVPTFQPSTPVPERLEAVQRYIRELQYNHTGTQ
FFEIKKSRPLTGLMDLAKEMTKEALPIKCLEAVILGIYLTNSMPTLERFPISFKTYFSGNYFRHIVLGVNFAGRYGALGM
SRREDLMYKPPAFRTLSELVLDFEAAYGRCWHVLKKVKLGQSVSHDPHSVEQIEWKHSVLDVERLGRDDFRKELERHARD
MR
;
A,C
2 'polypeptide(L)' KSAQQELKQRQRAEIYALNRVMTELEQQ B,D
#
loop_
_chem_comp.id
_chem_comp.type
_chem_comp.name
_chem_comp.formula
GOL non-polymer GLYCEROL 'C3 H8 O3'
M4Y non-polymer parthenolide 'C15 H20 O3'
SO4 non-polymer 'SULFATE ION' 'O4 S -2'
#
# COMPACT_ATOMS: atom_id res chain seq x y z
N PHE A 1 -32.91 -7.58 7.87
CA PHE A 1 -32.59 -8.87 7.25
C PHE A 1 -31.44 -8.69 6.28
N VAL A 2 -30.86 -9.79 5.79
CA VAL A 2 -29.69 -9.75 4.92
C VAL A 2 -30.14 -9.96 3.48
N ASN A 3 -29.76 -9.05 2.60
CA ASN A 3 -29.91 -9.27 1.16
C ASN A 3 -29.11 -10.48 0.73
N ARG A 4 -29.79 -11.49 0.17
CA ARG A 4 -29.14 -12.71 -0.28
C ARG A 4 -28.94 -12.75 -1.78
N GLY A 5 -29.58 -11.87 -2.54
CA GLY A 5 -29.56 -11.97 -3.99
C GLY A 5 -28.56 -11.11 -4.73
N GLY A 6 -27.55 -10.61 -4.03
CA GLY A 6 -26.58 -9.74 -4.70
C GLY A 6 -27.17 -8.39 -5.09
N LEU A 7 -26.44 -7.70 -5.97
CA LEU A 7 -26.78 -6.36 -6.45
C LEU A 7 -26.82 -6.35 -7.98
N PRO A 8 -27.77 -5.61 -8.60
CA PRO A 8 -28.76 -4.75 -7.92
C PRO A 8 -29.73 -5.54 -7.05
N VAL A 9 -30.30 -4.91 -6.03
CA VAL A 9 -31.25 -5.62 -5.17
C VAL A 9 -32.41 -6.15 -6.02
N ASP A 10 -32.77 -7.41 -5.84
CA ASP A 10 -33.84 -7.98 -6.65
C ASP A 10 -35.20 -7.48 -6.14
N GLU A 11 -36.24 -7.70 -6.96
CA GLU A 11 -37.52 -7.05 -6.70
C GLU A 11 -38.08 -7.43 -5.34
N ALA A 12 -38.00 -8.72 -5.00
CA ALA A 12 -38.59 -9.19 -3.76
C ALA A 12 -37.86 -8.61 -2.56
N THR A 13 -36.53 -8.60 -2.58
CA THR A 13 -35.77 -8.00 -1.50
C THR A 13 -36.03 -6.50 -1.42
N TRP A 14 -36.09 -5.83 -2.58
CA TRP A 14 -36.39 -4.38 -2.60
C TRP A 14 -37.74 -4.07 -1.98
N GLU A 15 -38.78 -4.83 -2.36
CA GLU A 15 -40.11 -4.58 -1.79
C GLU A 15 -40.13 -4.88 -0.29
N ARG A 16 -39.41 -5.93 0.13
CA ARG A 16 -39.36 -6.26 1.54
C ARG A 16 -38.73 -5.13 2.35
N MET A 17 -37.68 -4.50 1.82
CA MET A 17 -37.09 -3.36 2.50
C MET A 17 -38.11 -2.24 2.71
N TRP A 18 -38.88 -1.90 1.66
CA TRP A 18 -39.85 -0.82 1.80
C TRP A 18 -41.02 -1.22 2.68
N LYS A 19 -41.42 -2.51 2.68
CA LYS A 19 -42.44 -2.95 3.63
C LYS A 19 -41.97 -2.74 5.07
N HIS A 20 -40.70 -3.03 5.33
CA HIS A 20 -40.17 -2.82 6.68
C HIS A 20 -40.23 -1.35 7.04
N VAL A 21 -39.89 -0.46 6.10
CA VAL A 21 -39.92 0.98 6.36
C VAL A 21 -41.33 1.41 6.76
N ALA A 22 -42.32 1.00 5.98
CA ALA A 22 -43.69 1.40 6.25
C ALA A 22 -44.15 0.95 7.63
N LYS A 23 -43.67 -0.21 8.08
CA LYS A 23 -44.07 -0.72 9.38
C LYS A 23 -43.51 0.14 10.51
N ILE A 24 -42.21 0.41 10.49
CA ILE A 24 -41.55 1.03 11.64
C ILE A 24 -41.50 2.54 11.56
N HIS A 25 -41.62 3.13 10.38
CA HIS A 25 -41.60 4.59 10.43
C HIS A 25 -43.00 5.14 10.69
N PRO A 26 -43.13 6.18 11.54
CA PRO A 26 -44.46 6.74 11.82
C PRO A 26 -45.22 7.09 10.55
N ASP A 27 -44.63 7.91 9.67
CA ASP A 27 -45.26 8.19 8.39
C ASP A 27 -45.27 6.94 7.52
N GLY A 28 -44.13 6.27 7.43
CA GLY A 28 -44.01 4.99 6.77
C GLY A 28 -44.37 5.01 5.31
N GLU A 29 -45.67 5.10 5.01
CA GLU A 29 -46.10 5.10 3.62
C GLU A 29 -45.66 6.37 2.91
N LYS A 30 -45.71 7.51 3.61
CA LYS A 30 -45.30 8.76 2.97
C LYS A 30 -43.80 8.78 2.69
N VAL A 31 -42.99 8.17 3.56
CA VAL A 31 -41.56 8.07 3.29
C VAL A 31 -41.31 7.45 1.92
N ALA A 32 -41.86 6.25 1.70
CA ALA A 32 -41.71 5.58 0.42
C ALA A 32 -42.30 6.39 -0.73
N GLN A 33 -43.45 7.02 -0.51
CA GLN A 33 -44.08 7.77 -1.59
C GLN A 33 -43.19 8.91 -2.07
N ARG A 34 -42.43 9.55 -1.16
CA ARG A 34 -41.58 10.65 -1.56
C ARG A 34 -40.26 10.21 -2.18
N ILE A 35 -39.77 9.01 -1.86
CA ILE A 35 -38.48 8.55 -2.35
C ILE A 35 -38.62 7.68 -3.59
N ARG A 36 -39.55 6.73 -3.58
CA ARG A 36 -39.56 5.71 -4.64
C ARG A 36 -39.93 6.33 -5.99
N GLY A 37 -39.04 6.18 -6.96
CA GLY A 37 -39.29 6.77 -8.26
C GLY A 37 -38.99 8.24 -8.36
N ALA A 38 -38.58 8.89 -7.26
CA ALA A 38 -38.34 10.33 -7.30
C ALA A 38 -37.23 10.65 -8.30
N THR A 39 -37.41 11.70 -9.08
CA THR A 39 -36.43 12.04 -10.10
C THR A 39 -35.43 13.11 -9.68
N ASP A 40 -35.51 13.61 -8.45
CA ASP A 40 -34.65 14.71 -8.02
C ASP A 40 -33.94 14.38 -6.71
N LEU A 41 -33.63 13.11 -6.49
CA LEU A 41 -32.86 12.72 -5.32
C LEU A 41 -31.40 13.18 -5.40
N PRO A 42 -30.76 13.47 -4.28
CA PRO A 42 -29.34 13.81 -4.30
C PRO A 42 -28.50 12.75 -5.01
N LYS A 43 -27.53 13.20 -5.78
CA LYS A 43 -26.51 12.32 -6.34
CA LYS A 43 -26.52 12.33 -6.35
C LYS A 43 -25.39 12.18 -5.32
N ILE A 44 -25.23 11.00 -4.77
CA ILE A 44 -24.24 10.74 -3.74
C ILE A 44 -22.92 10.41 -4.45
N PRO A 45 -21.84 11.12 -4.19
CA PRO A 45 -20.57 10.76 -4.82
C PRO A 45 -20.10 9.40 -4.34
N ILE A 46 -19.52 8.63 -5.26
CA ILE A 46 -18.85 7.39 -4.88
CA ILE A 46 -18.85 7.39 -4.88
C ILE A 46 -17.60 7.76 -4.10
N PRO A 47 -17.52 7.41 -2.82
CA PRO A 47 -16.35 7.81 -2.04
C PRO A 47 -15.08 7.25 -2.65
N SER A 48 -14.01 8.04 -2.61
CA SER A 48 -12.74 7.63 -3.17
C SER A 48 -12.02 6.70 -2.19
N VAL A 49 -11.65 5.52 -2.67
CA VAL A 49 -10.91 4.56 -1.85
C VAL A 49 -9.56 5.19 -1.55
N PRO A 50 -9.20 5.31 -0.27
CA PRO A 50 -7.94 6.00 0.06
C PRO A 50 -6.74 5.19 -0.41
N THR A 51 -5.73 5.91 -0.90
CA THR A 51 -4.43 5.35 -1.26
C THR A 51 -3.37 6.22 -0.63
N PHE A 52 -2.16 5.66 -0.45
CA PHE A 52 -1.21 6.28 0.45
C PHE A 52 0.18 6.37 -0.15
N GLN A 53 0.81 7.51 0.08
CA GLN A 53 2.22 7.66 -0.23
C GLN A 53 3.05 6.85 0.76
N PRO A 54 4.16 6.26 0.31
CA PRO A 54 5.03 5.53 1.26
C PRO A 54 5.55 6.41 2.39
N SER A 55 5.53 7.73 2.25
CA SER A 55 5.99 8.63 3.30
C SER A 55 4.91 8.96 4.31
N THR A 56 3.68 8.48 4.14
CA THR A 56 2.62 8.80 5.08
C THR A 56 2.68 7.87 6.29
N PRO A 57 2.82 8.39 7.50
CA PRO A 57 2.85 7.51 8.69
C PRO A 57 1.58 6.68 8.76
N VAL A 58 1.73 5.42 9.21
CA VAL A 58 0.59 4.51 9.32
C VAL A 58 -0.58 5.09 10.12
N PRO A 59 -0.37 5.72 11.28
CA PRO A 59 -1.53 6.29 11.99
C PRO A 59 -2.31 7.28 11.15
N GLU A 60 -1.64 8.11 10.35
CA GLU A 60 -2.39 9.00 9.47
C GLU A 60 -3.11 8.21 8.36
N ARG A 61 -2.52 7.09 7.89
CA ARG A 61 -3.26 6.25 6.95
C ARG A 61 -4.52 5.71 7.59
N LEU A 62 -4.45 5.35 8.88
CA LEU A 62 -5.60 4.78 9.57
C LEU A 62 -6.74 5.79 9.71
N GLU A 63 -6.40 7.06 9.97
CA GLU A 63 -7.41 8.11 9.97
CA GLU A 63 -7.42 8.10 9.98
C GLU A 63 -8.16 8.15 8.65
N ALA A 64 -7.42 8.13 7.54
CA ALA A 64 -8.04 8.15 6.23
C ALA A 64 -8.91 6.90 5.99
N VAL A 65 -8.43 5.72 6.39
CA VAL A 65 -9.25 4.51 6.25
C VAL A 65 -10.56 4.64 7.03
N GLN A 66 -10.47 5.11 8.28
CA GLN A 66 -11.68 5.30 9.08
C GLN A 66 -12.61 6.32 8.46
N ARG A 67 -12.06 7.43 7.96
CA ARG A 67 -12.88 8.44 7.31
C ARG A 67 -13.65 7.84 6.14
N TYR A 68 -12.98 6.99 5.35
CA TYR A 68 -13.64 6.30 4.24
C TYR A 68 -14.79 5.43 4.75
N ILE A 69 -14.54 4.63 5.79
CA ILE A 69 -15.58 3.78 6.34
C ILE A 69 -16.77 4.62 6.79
N ARG A 70 -16.50 5.73 7.50
CA ARG A 70 -17.58 6.62 7.94
C ARG A 70 -18.35 7.20 6.75
N GLU A 71 -17.66 7.59 5.67
CA GLU A 71 -18.37 8.24 4.56
C GLU A 71 -19.43 7.32 3.93
N LEU A 72 -19.26 6.00 4.04
CA LEU A 72 -20.29 5.09 3.50
C LEU A 72 -21.60 5.22 4.26
N GLN A 73 -21.53 5.63 5.52
CA GLN A 73 -22.70 5.85 6.38
CA GLN A 73 -22.67 5.86 6.41
C GLN A 73 -23.10 4.57 7.09
N TYR A 74 -23.53 4.69 8.35
CA TYR A 74 -24.16 3.58 9.07
C TYR A 74 -25.43 3.18 8.36
N ASN A 75 -25.62 1.88 8.15
CA ASN A 75 -26.81 1.37 7.46
C ASN A 75 -27.99 1.33 8.42
N HIS A 76 -28.91 2.29 8.27
CA HIS A 76 -30.14 2.35 9.04
C HIS A 76 -31.37 1.87 8.28
N THR A 77 -31.19 1.30 7.09
CA THR A 77 -32.37 0.93 6.29
C THR A 77 -33.09 -0.30 6.82
N GLY A 78 -32.40 -1.14 7.59
CA GLY A 78 -32.97 -2.42 7.96
C GLY A 78 -32.60 -3.56 7.04
N THR A 79 -31.93 -3.28 5.93
CA THR A 79 -31.50 -4.30 4.98
C THR A 79 -29.99 -4.24 4.84
N GLN A 80 -29.33 -5.32 5.21
CA GLN A 80 -27.89 -5.47 5.00
C GLN A 80 -27.63 -5.86 3.54
N PHE A 81 -26.91 -5.01 2.79
CA PHE A 81 -26.83 -5.19 1.35
C PHE A 81 -25.77 -6.20 0.92
N PHE A 82 -24.85 -6.57 1.81
CA PHE A 82 -23.79 -7.53 1.53
C PHE A 82 -23.88 -8.67 2.52
N GLU A 83 -23.98 -9.89 2.02
CA GLU A 83 -23.98 -11.09 2.85
C GLU A 83 -22.55 -11.46 3.25
N ILE A 84 -22.32 -11.62 4.55
CA ILE A 84 -21.00 -11.98 5.07
C ILE A 84 -21.06 -13.35 5.75
N LYS A 85 -20.38 -14.33 5.18
CA LYS A 85 -20.20 -15.63 5.82
C LYS A 85 -18.83 -15.63 6.48
N LYS A 86 -18.81 -15.66 7.81
CA LYS A 86 -17.57 -15.38 8.55
C LYS A 86 -16.50 -16.44 8.35
N SER A 87 -16.89 -17.67 8.04
CA SER A 87 -15.95 -18.77 7.82
C SER A 87 -15.42 -18.82 6.39
N ARG A 88 -15.78 -17.87 5.54
CA ARG A 88 -15.26 -17.87 4.17
C ARG A 88 -13.75 -17.66 4.16
N PRO A 89 -13.04 -18.30 3.24
CA PRO A 89 -11.61 -17.97 3.09
C PRO A 89 -11.41 -16.47 2.90
N LEU A 90 -10.32 -15.96 3.45
CA LEU A 90 -10.02 -14.54 3.36
C LEU A 90 -10.11 -14.02 1.93
N THR A 91 -9.68 -14.83 0.95
CA THR A 91 -9.69 -14.31 -0.42
C THR A 91 -11.11 -14.01 -0.90
N GLY A 92 -12.08 -14.82 -0.48
CA GLY A 92 -13.47 -14.54 -0.82
C GLY A 92 -14.00 -13.31 -0.11
N LEU A 93 -13.61 -13.14 1.16
CA LEU A 93 -14.04 -11.94 1.88
C LEU A 93 -13.42 -10.69 1.30
N MET A 94 -12.18 -10.77 0.81
CA MET A 94 -11.56 -9.60 0.17
C MET A 94 -12.24 -9.24 -1.15
N ASP A 95 -12.69 -10.24 -1.93
CA ASP A 95 -13.53 -9.95 -3.10
C ASP A 95 -14.80 -9.21 -2.68
N LEU A 96 -15.36 -9.58 -1.54
CA LEU A 96 -16.50 -8.85 -0.99
C LEU A 96 -16.15 -7.41 -0.65
N ALA A 97 -15.06 -7.21 0.13
CA ALA A 97 -14.65 -5.84 0.43
C ALA A 97 -14.46 -5.03 -0.85
N LYS A 98 -13.85 -5.62 -1.89
CA LYS A 98 -13.69 -4.88 -3.13
CA LYS A 98 -13.69 -4.88 -3.13
C LYS A 98 -15.06 -4.46 -3.68
N GLU A 99 -16.04 -5.37 -3.65
CA GLU A 99 -17.37 -5.02 -4.13
C GLU A 99 -17.98 -3.90 -3.31
N MET A 100 -17.77 -3.92 -1.99
CA MET A 100 -18.28 -2.82 -1.16
C MET A 100 -17.74 -1.48 -1.63
N THR A 101 -16.44 -1.40 -1.94
CA THR A 101 -15.87 -0.13 -2.38
C THR A 101 -16.37 0.26 -3.75
N LYS A 102 -16.74 -0.72 -4.58
CA LYS A 102 -17.23 -0.40 -5.93
CA LYS A 102 -17.24 -0.41 -5.93
C LYS A 102 -18.70 0.05 -5.91
N GLU A 103 -19.54 -0.62 -5.12
CA GLU A 103 -20.97 -0.31 -5.07
C GLU A 103 -21.31 0.78 -4.06
N ALA A 104 -20.52 0.91 -2.98
CA ALA A 104 -20.59 2.08 -2.10
C ALA A 104 -22.00 2.27 -1.53
N LEU A 105 -22.43 1.29 -0.73
CA LEU A 105 -23.67 1.38 0.02
C LEU A 105 -23.39 1.45 1.52
N PRO A 106 -24.39 1.84 2.32
CA PRO A 106 -24.20 1.90 3.77
C PRO A 106 -23.88 0.53 4.36
N ILE A 107 -23.20 0.53 5.51
CA ILE A 107 -22.70 -0.70 6.12
C ILE A 107 -22.86 -0.62 7.64
N LYS A 108 -22.67 -1.76 8.31
CA LYS A 108 -22.57 -1.81 9.76
C LYS A 108 -21.28 -2.48 10.21
N CYS A 109 -21.22 -2.92 11.46
CA CYS A 109 -19.95 -3.21 12.11
C CYS A 109 -19.19 -4.36 11.45
N LEU A 110 -19.87 -5.46 11.10
CA LEU A 110 -19.14 -6.60 10.54
C LEU A 110 -18.61 -6.28 9.15
N GLU A 111 -19.40 -5.61 8.32
CA GLU A 111 -18.92 -5.20 7.01
C GLU A 111 -17.71 -4.30 7.14
N ALA A 112 -17.73 -3.38 8.10
CA ALA A 112 -16.61 -2.47 8.27
C ALA A 112 -15.34 -3.20 8.73
N VAL A 113 -15.49 -4.30 9.47
CA VAL A 113 -14.30 -5.09 9.83
C VAL A 113 -13.65 -5.68 8.58
N ILE A 114 -14.45 -6.28 7.71
CA ILE A 114 -13.94 -6.82 6.45
C ILE A 114 -13.28 -5.73 5.62
N LEU A 115 -13.98 -4.60 5.48
CA LEU A 115 -13.43 -3.46 4.75
CA LEU A 115 -13.43 -3.47 4.75
C LEU A 115 -12.12 -2.98 5.37
N GLY A 116 -12.05 -2.93 6.70
CA GLY A 116 -10.84 -2.45 7.34
C GLY A 116 -9.64 -3.35 7.13
N ILE A 117 -9.87 -4.67 7.00
CA ILE A 117 -8.77 -5.59 6.66
C ILE A 117 -8.32 -5.32 5.24
N TYR A 118 -9.27 -5.20 4.33
CA TYR A 118 -8.99 -4.99 2.92
C TYR A 118 -8.18 -3.73 2.70
N LEU A 119 -8.49 -2.67 3.45
CA LEU A 119 -7.84 -1.38 3.24
C LEU A 119 -6.52 -1.24 3.99
N THR A 120 -6.15 -2.22 4.81
CA THR A 120 -4.87 -2.16 5.51
C THR A 120 -3.94 -3.31 5.12
N ASN A 121 -4.31 -4.14 4.13
CA ASN A 121 -3.39 -5.20 3.72
C ASN A 121 -2.10 -4.61 3.16
N SER A 122 -2.12 -3.35 2.74
CA SER A 122 -0.93 -2.65 2.26
C SER A 122 -0.02 -2.17 3.38
N MET A 123 -0.32 -2.49 4.65
CA MET A 123 0.46 -2.01 5.79
C MET A 123 1.04 -3.19 6.58
N PRO A 124 2.10 -3.84 6.09
CA PRO A 124 2.64 -5.00 6.81
C PRO A 124 3.19 -4.70 8.20
N THR A 125 3.46 -3.44 8.54
CA THR A 125 3.88 -3.12 9.90
C THR A 125 2.69 -2.91 10.83
N LEU A 126 1.47 -3.06 10.32
CA LEU A 126 0.25 -3.00 11.13
C LEU A 126 -0.27 -4.42 11.32
N GLU A 127 -0.60 -4.78 12.55
CA GLU A 127 -1.36 -6.02 12.75
C GLU A 127 -2.82 -5.67 12.95
N ARG A 128 -3.70 -6.53 12.43
CA ARG A 128 -5.16 -6.39 12.52
C ARG A 128 -5.74 -7.67 13.09
N PHE A 129 -6.71 -7.54 14.00
CA PHE A 129 -7.33 -8.68 14.64
C PHE A 129 -8.71 -8.26 15.12
N PRO A 130 -9.76 -9.05 14.91
CA PRO A 130 -11.10 -8.60 15.29
C PRO A 130 -11.32 -8.68 16.80
N ILE A 131 -12.17 -7.79 17.30
CA ILE A 131 -12.61 -7.80 18.69
C ILE A 131 -14.13 -7.71 18.70
N SER A 132 -14.79 -8.71 19.26
CA SER A 132 -16.25 -8.69 19.38
C SER A 132 -16.65 -8.46 20.83
N PHE A 133 -17.78 -7.80 21.02
CA PHE A 133 -18.32 -7.47 22.34
C PHE A 133 -19.75 -7.97 22.42
N LYS A 134 -20.10 -8.51 23.59
CA LYS A 134 -21.48 -8.83 23.93
C LYS A 134 -21.84 -7.98 25.13
N THR A 135 -22.91 -7.22 25.03
CA THR A 135 -23.29 -6.32 26.10
C THR A 135 -24.75 -6.54 26.45
N TYR A 136 -25.13 -6.01 27.61
CA TYR A 136 -26.48 -6.15 28.12
C TYR A 136 -27.01 -4.76 28.44
N PHE A 137 -28.23 -4.50 27.98
CA PHE A 137 -28.92 -3.23 28.27
C PHE A 137 -30.40 -3.47 28.28
N SER A 138 -31.06 -2.98 29.33
CA SER A 138 -32.52 -2.96 29.43
C SER A 138 -33.13 -4.32 29.08
N GLY A 139 -32.59 -5.37 29.71
CA GLY A 139 -33.12 -6.71 29.54
C GLY A 139 -32.78 -7.38 28.23
N ASN A 140 -31.82 -6.87 27.47
CA ASN A 140 -31.49 -7.45 26.18
C ASN A 140 -29.98 -7.48 26.00
N TYR A 141 -29.53 -8.42 25.18
CA TYR A 141 -28.12 -8.55 24.84
C TYR A 141 -27.85 -7.99 23.44
N PHE A 142 -26.66 -7.42 23.26
CA PHE A 142 -26.29 -6.80 22.00
C PHE A 142 -24.88 -7.23 21.62
N ARG A 143 -24.66 -7.41 20.32
CA ARG A 143 -23.36 -7.84 19.81
C ARG A 143 -22.79 -6.78 18.89
N HIS A 144 -21.47 -6.61 18.97
CA HIS A 144 -20.77 -5.56 18.27
C HIS A 144 -19.40 -6.11 17.94
N ILE A 145 -18.78 -5.57 16.89
CA ILE A 145 -17.45 -6.02 16.53
C ILE A 145 -16.69 -4.87 15.90
N VAL A 146 -15.37 -4.86 16.10
CA VAL A 146 -14.48 -3.85 15.54
C VAL A 146 -13.19 -4.55 15.13
N LEU A 147 -12.33 -3.81 14.43
CA LEU A 147 -11.03 -4.33 14.00
C LEU A 147 -9.97 -3.71 14.92
N GLY A 148 -9.51 -4.48 15.90
CA GLY A 148 -8.35 -4.03 16.66
C GLY A 148 -7.14 -3.92 15.76
N VAL A 149 -6.25 -2.97 16.06
CA VAL A 149 -5.00 -2.82 15.33
C VAL A 149 -3.86 -2.60 16.32
N ASN A 150 -2.65 -2.90 15.86
CA ASN A 150 -1.44 -2.74 16.66
C ASN A 150 -0.38 -2.15 15.75
N PHE A 151 0.11 -0.97 16.11
CA PHE A 151 1.19 -0.35 15.37
C PHE A 151 2.29 0.07 16.34
N ALA A 152 3.52 -0.30 16.02
CA ALA A 152 4.68 0.09 16.82
C ALA A 152 4.43 -0.17 18.31
N GLY A 153 3.78 -1.30 18.60
CA GLY A 153 3.54 -1.68 19.98
C GLY A 153 2.37 -1.00 20.66
N ARG A 154 1.56 -0.23 19.94
CA ARG A 154 0.41 0.44 20.54
C ARG A 154 -0.87 0.01 19.84
N TYR A 155 -1.96 0.01 20.60
CA TYR A 155 -3.21 -0.59 20.16
C TYR A 155 -4.26 0.48 19.83
N GLY A 156 -5.04 0.20 18.80
CA GLY A 156 -6.18 1.04 18.46
C GLY A 156 -7.29 0.22 17.85
N ALA A 157 -8.23 0.88 17.17
CA ALA A 157 -9.33 0.13 16.55
C ALA A 157 -9.91 0.94 15.39
N LEU A 158 -10.42 0.21 14.40
CA LEU A 158 -11.23 0.76 13.32
C LEU A 158 -12.56 0.03 13.33
N GLY A 159 -13.60 0.66 12.80
CA GLY A 159 -14.89 -0.02 12.77
C GLY A 159 -16.01 0.94 12.42
N MET A 160 -17.23 0.42 12.55
CA MET A 160 -18.45 1.18 12.32
C MET A 160 -19.42 0.90 13.46
N SER A 161 -20.04 1.95 13.98
CA SER A 161 -20.97 1.85 15.09
C SER A 161 -21.88 3.06 15.01
N ARG A 162 -22.95 3.04 15.80
CA ARG A 162 -23.79 4.23 15.93
C ARG A 162 -23.19 5.24 16.87
N ARG A 163 -22.21 4.84 17.69
CA ARG A 163 -21.62 5.75 18.66
C ARG A 163 -20.16 5.99 18.31
N GLU A 164 -19.77 7.26 18.37
CA GLU A 164 -18.40 7.66 18.05
C GLU A 164 -17.38 6.86 18.83
N ASP A 165 -17.62 6.65 20.12
CA ASP A 165 -16.62 6.05 21.00
C ASP A 165 -16.67 4.53 21.03
N LEU A 166 -17.46 3.91 20.13
CA LEU A 166 -17.50 2.45 20.01
C LEU A 166 -16.94 1.97 18.67
N MET A 167 -16.07 2.77 18.03
CA MET A 167 -15.52 2.33 16.76
C MET A 167 -14.06 2.75 16.58
N TYR A 168 -13.79 4.02 16.37
CA TYR A 168 -12.44 4.45 16.02
C TYR A 168 -11.62 4.73 17.27
N LYS A 169 -10.42 4.15 17.35
CA LYS A 169 -9.47 4.47 18.41
C LYS A 169 -8.10 4.65 17.78
N PRO A 170 -7.50 5.84 17.82
CA PRO A 170 -6.14 5.98 17.32
C PRO A 170 -5.22 5.01 18.02
N PRO A 171 -4.18 4.53 17.35
CA PRO A 171 -3.32 3.49 17.97
C PRO A 171 -2.35 4.09 18.98
N ALA A 172 -2.88 4.45 20.15
CA ALA A 172 -2.10 5.06 21.21
C ALA A 172 -2.18 4.33 22.55
N PHE A 173 -2.99 3.28 22.65
CA PHE A 173 -3.09 2.53 23.89
C PHE A 173 -1.86 1.65 24.08
N ARG A 174 -1.25 1.74 25.27
CA ARG A 174 0.02 1.07 25.49
C ARG A 174 -0.15 -0.44 25.60
N THR A 175 -1.34 -0.92 25.99
CA THR A 175 -1.61 -2.34 26.12
C THR A 175 -3.00 -2.67 25.59
N LEU A 176 -3.19 -3.95 25.25
CA LEU A 176 -4.48 -4.43 24.77
C LEU A 176 -5.55 -4.29 25.86
N SER A 177 -5.16 -4.56 27.10
CA SER A 177 -6.05 -4.35 28.23
C SER A 177 -6.61 -2.93 28.24
N GLU A 178 -5.75 -1.93 28.11
CA GLU A 178 -6.22 -0.54 28.14
C GLU A 178 -7.17 -0.23 27.00
N LEU A 179 -6.91 -0.76 25.79
CA LEU A 179 -7.83 -0.56 24.68
C LEU A 179 -9.21 -1.13 24.99
N VAL A 180 -9.26 -2.40 25.40
CA VAL A 180 -10.52 -3.05 25.72
C VAL A 180 -11.21 -2.37 26.90
N LEU A 181 -10.44 -1.96 27.92
CA LEU A 181 -11.07 -1.27 29.04
C LEU A 181 -11.68 0.05 28.58
N ASP A 182 -11.09 0.69 27.56
CA ASP A 182 -11.68 1.94 27.07
C ASP A 182 -13.04 1.68 26.43
N PHE A 183 -13.17 0.60 25.64
CA PHE A 183 -14.47 0.20 25.13
C PHE A 183 -15.45 -0.11 26.26
N GLU A 184 -15.00 -0.88 27.27
CA GLU A 184 -15.87 -1.15 28.40
C GLU A 184 -16.41 0.13 29.02
N ALA A 185 -15.55 1.14 29.19
CA ALA A 185 -15.99 2.39 29.79
C ALA A 185 -16.93 3.14 28.86
N ALA A 186 -16.64 3.14 27.56
CA ALA A 186 -17.55 3.77 26.61
C ALA A 186 -18.94 3.13 26.67
N TYR A 187 -18.99 1.79 26.66
CA TYR A 187 -20.27 1.10 26.88
C TYR A 187 -20.94 1.53 28.18
N GLY A 188 -20.18 1.55 29.27
CA GLY A 188 -20.76 1.95 30.55
C GLY A 188 -21.47 3.29 30.47
N ARG A 189 -20.89 4.24 29.74
CA ARG A 189 -21.48 5.58 29.67
C ARG A 189 -22.81 5.61 28.92
N CYS A 190 -23.06 4.65 28.03
CA CYS A 190 -24.38 4.52 27.41
C CYS A 190 -25.15 3.35 28.01
N TRP A 191 -24.84 3.00 29.26
CA TRP A 191 -25.66 2.11 30.08
C TRP A 191 -25.68 0.66 29.59
N HIS A 192 -24.66 0.23 28.87
CA HIS A 192 -24.49 -1.18 28.56
C HIS A 192 -23.50 -1.81 29.53
N VAL A 193 -23.77 -3.05 29.94
CA VAL A 193 -22.84 -3.82 30.75
C VAL A 193 -22.12 -4.80 29.84
N LEU A 194 -20.79 -4.76 29.85
CA LEU A 194 -19.99 -5.64 29.00
C LEU A 194 -19.93 -7.04 29.61
N LYS A 195 -20.43 -8.03 28.86
CA LYS A 195 -20.52 -9.40 29.34
C LYS A 195 -19.44 -10.31 28.80
N LYS A 196 -19.07 -10.12 27.53
CA LYS A 196 -18.10 -11.02 26.91
C LYS A 196 -17.30 -10.25 25.88
N VAL A 197 -16.05 -10.66 25.72
CA VAL A 197 -15.15 -10.14 24.69
C VAL A 197 -14.51 -11.34 24.00
N LYS A 198 -14.53 -11.33 22.68
CA LYS A 198 -13.93 -12.41 21.90
C LYS A 198 -12.91 -11.76 20.97
N LEU A 199 -11.67 -12.23 21.04
CA LEU A 199 -10.55 -11.63 20.33
C LEU A 199 -9.99 -12.63 19.33
N GLY A 200 -9.77 -12.18 18.10
CA GLY A 200 -9.24 -13.07 17.09
C GLY A 200 -7.72 -13.01 17.00
N GLN A 201 -7.18 -13.83 16.10
CA GLN A 201 -5.77 -13.82 15.75
C GLN A 201 -5.48 -12.76 14.67
N SER A 202 -4.20 -12.37 14.57
CA SER A 202 -3.78 -11.45 13.51
C SER A 202 -4.18 -12.01 12.15
N VAL A 203 -4.60 -11.12 11.26
CA VAL A 203 -5.09 -11.48 9.92
C VAL A 203 -3.98 -11.32 8.90
N SER A 204 -3.85 -12.32 8.02
CA SER A 204 -2.89 -12.25 6.93
C SER A 204 -3.08 -10.99 6.09
N HIS A 205 -1.96 -10.40 5.64
CA HIS A 205 -2.00 -9.28 4.69
C HIS A 205 -2.08 -9.76 3.23
N ASP A 206 -2.14 -11.05 2.99
CA ASP A 206 -2.32 -11.58 1.64
C ASP A 206 -3.81 -11.63 1.31
N PRO A 207 -4.34 -10.76 0.44
CA PRO A 207 -5.77 -10.83 0.11
C PRO A 207 -6.14 -12.05 -0.75
N HIS A 208 -5.16 -12.85 -1.15
CA HIS A 208 -5.44 -14.12 -1.81
C HIS A 208 -5.19 -15.30 -0.89
N SER A 209 -4.96 -15.05 0.40
CA SER A 209 -4.89 -16.14 1.36
C SER A 209 -6.17 -16.98 1.32
N VAL A 210 -6.00 -18.30 1.31
CA VAL A 210 -7.14 -19.20 1.43
C VAL A 210 -7.52 -19.47 2.88
N GLU A 211 -6.76 -18.97 3.86
CA GLU A 211 -7.04 -19.26 5.25
C GLU A 211 -8.26 -18.48 5.74
N GLN A 212 -8.87 -18.99 6.80
CA GLN A 212 -9.99 -18.30 7.44
C GLN A 212 -9.49 -17.33 8.49
N ILE A 213 -10.27 -16.27 8.70
CA ILE A 213 -10.06 -15.42 9.87
C ILE A 213 -10.37 -16.22 11.13
N GLU A 214 -9.54 -16.05 12.14
CA GLU A 214 -9.76 -16.74 13.41
C GLU A 214 -10.40 -15.74 14.37
N TRP A 215 -11.72 -15.85 14.54
CA TRP A 215 -12.51 -14.79 15.17
C TRP A 215 -12.48 -14.82 16.70
N LYS A 216 -12.33 -16.01 17.28
CA LYS A 216 -12.61 -16.23 18.70
C LYS A 216 -11.47 -17.02 19.34
N HIS A 217 -10.24 -16.65 19.02
CA HIS A 217 -9.07 -17.27 19.63
C HIS A 217 -9.13 -17.19 21.15
N SER A 218 -9.60 -16.07 21.69
CA SER A 218 -9.78 -15.92 23.14
C SER A 218 -11.19 -15.43 23.40
N VAL A 219 -11.92 -16.13 24.28
CA VAL A 219 -13.27 -15.76 24.66
C VAL A 219 -13.24 -15.47 26.16
N LEU A 220 -13.48 -14.21 26.53
CA LEU A 220 -13.34 -13.74 27.90
C LEU A 220 -14.69 -13.40 28.49
N ASP A 221 -15.05 -14.07 29.58
CA ASP A 221 -16.30 -13.83 30.29
C ASP A 221 -16.03 -12.78 31.37
N VAL A 222 -16.36 -11.52 31.06
CA VAL A 222 -15.90 -10.39 31.87
C VAL A 222 -16.37 -10.53 33.31
N GLU A 223 -17.62 -10.94 33.53
CA GLU A 223 -18.13 -11.04 34.89
C GLU A 223 -17.48 -12.19 35.65
N ARG A 224 -17.35 -13.35 35.02
CA ARG A 224 -16.71 -14.48 35.70
C ARG A 224 -15.24 -14.21 35.99
N LEU A 225 -14.58 -13.43 35.15
CA LEU A 225 -13.13 -13.28 35.29
C LEU A 225 -12.77 -12.37 36.45
N GLY A 226 -13.48 -11.26 36.60
CA GLY A 226 -13.06 -10.25 37.55
C GLY A 226 -11.91 -9.44 36.98
N ARG A 227 -11.56 -8.37 37.70
CA ARG A 227 -10.74 -7.33 37.10
C ARG A 227 -9.34 -7.85 36.78
N ASP A 228 -8.65 -8.42 37.76
CA ASP A 228 -7.26 -8.81 37.56
C ASP A 228 -7.13 -9.93 36.54
N ASP A 229 -7.95 -10.99 36.66
CA ASP A 229 -7.86 -12.07 35.69
C ASP A 229 -8.29 -11.60 34.30
N PHE A 230 -9.24 -10.67 34.22
CA PHE A 230 -9.58 -10.06 32.94
C PHE A 230 -8.36 -9.43 32.29
N ARG A 231 -7.65 -8.56 33.03
CA ARG A 231 -6.40 -8.00 32.55
C ARG A 231 -5.44 -9.09 32.09
N LYS A 232 -5.20 -10.09 32.95
CA LYS A 232 -4.23 -11.13 32.63
C LYS A 232 -4.57 -11.86 31.34
N GLU A 233 -5.86 -12.14 31.11
CA GLU A 233 -6.26 -12.86 29.89
C GLU A 233 -6.01 -12.00 28.66
N LEU A 234 -6.22 -10.70 28.77
CA LEU A 234 -5.96 -9.82 27.63
C LEU A 234 -4.46 -9.77 27.33
N GLU A 235 -3.62 -9.60 28.36
CA GLU A 235 -2.20 -9.60 28.08
CA GLU A 235 -2.17 -9.64 28.16
C GLU A 235 -1.74 -10.93 27.48
N ARG A 236 -2.31 -12.06 27.94
CA ARG A 236 -1.98 -13.35 27.34
C ARG A 236 -2.39 -13.39 25.87
N HIS A 237 -3.58 -12.88 25.54
CA HIS A 237 -3.98 -12.84 24.14
C HIS A 237 -2.99 -12.04 23.31
N ALA A 238 -2.55 -10.89 23.84
CA ALA A 238 -1.59 -10.04 23.14
C ALA A 238 -0.27 -10.78 22.91
N ARG A 239 0.13 -11.63 23.86
CA ARG A 239 1.31 -12.46 23.65
C ARG A 239 1.06 -13.55 22.61
N ASP A 240 -0.12 -14.19 22.67
CA ASP A 240 -0.49 -15.18 21.66
C ASP A 240 -0.39 -14.62 20.24
N MET A 241 -0.69 -13.34 20.06
CA MET A 241 -0.60 -12.72 18.74
C MET A 241 0.82 -12.35 18.36
N ARG A 242 1.72 -12.19 19.33
CA ARG A 242 3.08 -11.72 19.08
C ARG A 242 3.99 -12.87 18.69
N LYS B 1 -24.31 3.18 -20.79
CA LYS B 1 -24.58 2.57 -19.49
C LYS B 1 -25.64 1.47 -19.61
N SER B 2 -25.35 0.31 -19.04
CA SER B 2 -26.24 -0.85 -19.16
C SER B 2 -27.46 -0.70 -18.26
N ALA B 3 -28.47 -1.53 -18.53
CA ALA B 3 -29.65 -1.56 -17.68
C ALA B 3 -29.29 -1.91 -16.25
N GLN B 4 -28.36 -2.85 -16.06
CA GLN B 4 -27.99 -3.27 -14.71
C GLN B 4 -27.28 -2.14 -13.96
N GLN B 5 -26.38 -1.42 -14.63
CA GLN B 5 -25.73 -0.27 -14.00
C GLN B 5 -26.74 0.82 -13.70
N GLU B 6 -27.72 1.02 -14.58
CA GLU B 6 -28.75 2.02 -14.32
C GLU B 6 -29.54 1.66 -13.07
N LEU B 7 -29.97 0.39 -12.95
CA LEU B 7 -30.73 -0.03 -11.76
C LEU B 7 -29.94 0.21 -10.49
N LYS B 8 -28.66 -0.13 -10.48
CA LYS B 8 -27.87 0.06 -9.27
C LYS B 8 -27.77 1.54 -8.93
N GLN B 9 -27.62 2.38 -9.96
CA GLN B 9 -27.57 3.82 -9.75
C GLN B 9 -28.87 4.34 -9.14
N ARG B 10 -30.01 3.99 -9.76
CA ARG B 10 -31.28 4.44 -9.22
C ARG B 10 -31.49 3.89 -7.81
N GLN B 11 -31.12 2.63 -7.58
CA GLN B 11 -31.33 2.06 -6.26
C GLN B 11 -30.44 2.74 -5.21
N ARG B 12 -29.19 3.03 -5.56
CA ARG B 12 -28.28 3.63 -4.60
C ARG B 12 -28.77 5.00 -4.16
N ALA B 13 -29.32 5.78 -5.09
CA ALA B 13 -29.88 7.08 -4.72
C ALA B 13 -31.02 6.94 -3.73
N GLU B 14 -31.89 5.95 -3.94
CA GLU B 14 -33.03 5.78 -3.04
C GLU B 14 -32.58 5.21 -1.69
N ILE B 15 -31.54 4.36 -1.69
CA ILE B 15 -30.99 3.83 -0.44
C ILE B 15 -30.44 4.96 0.44
N TYR B 16 -29.69 5.89 -0.15
CA TYR B 16 -29.16 6.98 0.67
C TYR B 16 -30.24 7.95 1.09
N ALA B 17 -31.23 8.19 0.23
CA ALA B 17 -32.33 9.06 0.67
C ALA B 17 -33.09 8.43 1.81
N LEU B 18 -33.33 7.12 1.73
CA LEU B 18 -33.98 6.41 2.82
C LEU B 18 -33.10 6.40 4.08
N ASN B 19 -31.79 6.21 3.91
CA ASN B 19 -30.91 6.11 5.08
C ASN B 19 -30.91 7.41 5.86
N ARG B 20 -30.96 8.54 5.14
CA ARG B 20 -31.06 9.83 5.81
CA ARG B 20 -31.07 9.83 5.80
C ARG B 20 -32.33 9.92 6.66
N VAL B 21 -33.46 9.49 6.10
CA VAL B 21 -34.71 9.52 6.87
C VAL B 21 -34.64 8.56 8.05
N MET B 22 -34.18 7.33 7.82
CA MET B 22 -34.13 6.38 8.92
C MET B 22 -33.09 6.78 9.96
N THR B 23 -32.05 7.49 9.55
CA THR B 23 -31.08 8.01 10.51
C THR B 23 -31.71 9.07 11.40
N GLU B 24 -32.56 9.92 10.81
CA GLU B 24 -33.25 10.94 11.60
C GLU B 24 -34.24 10.32 12.58
N LEU B 25 -34.81 9.16 12.24
CA LEU B 25 -35.85 8.57 13.07
C LEU B 25 -35.27 7.87 14.30
N GLU B 26 -34.07 7.26 14.17
CA GLU B 26 -33.58 6.38 15.23
C GLU B 26 -33.19 7.14 16.48
N GLN B 27 -32.71 8.38 16.36
CA GLN B 27 -32.60 9.23 17.54
C GLN B 27 -33.93 9.88 17.89
N GLN B 28 -34.84 9.98 16.92
CA GLN B 28 -36.22 10.42 17.14
C GLN B 28 -36.28 11.87 17.62
N PHE C 1 31.41 11.25 -10.64
CA PHE C 1 31.71 11.32 -9.21
C PHE C 1 30.42 11.45 -8.40
N VAL C 2 30.53 11.42 -7.08
CA VAL C 2 29.37 11.42 -6.19
C VAL C 2 29.28 12.77 -5.49
N ASN C 3 28.08 13.34 -5.49
CA ASN C 3 27.80 14.56 -4.74
C ASN C 3 27.72 14.21 -3.25
N ARG C 4 28.62 14.78 -2.47
CA ARG C 4 28.65 14.56 -1.03
C ARG C 4 28.19 15.76 -0.23
N GLY C 5 27.88 16.88 -0.89
CA GLY C 5 27.47 18.09 -0.21
C GLY C 5 25.98 18.25 -0.02
N GLY C 6 25.17 17.25 -0.40
CA GLY C 6 23.72 17.36 -0.29
C GLY C 6 23.13 18.20 -1.42
N LEU C 7 21.88 18.61 -1.22
CA LEU C 7 21.16 19.44 -2.18
C LEU C 7 20.59 20.66 -1.47
N PRO C 8 20.67 21.83 -2.09
CA PRO C 8 21.21 22.10 -3.43
C PRO C 8 22.70 21.71 -3.60
N VAL C 9 23.13 21.52 -4.85
CA VAL C 9 24.50 21.10 -5.09
C VAL C 9 25.45 22.26 -4.77
N ASP C 10 26.45 22.01 -3.93
CA ASP C 10 27.33 23.09 -3.52
C ASP C 10 28.22 23.55 -4.68
N GLU C 11 28.81 24.72 -4.52
CA GLU C 11 29.44 25.39 -5.65
C GLU C 11 30.58 24.56 -6.24
N ALA C 12 31.40 23.95 -5.39
CA ALA C 12 32.51 23.14 -5.91
C ALA C 12 31.99 21.94 -6.70
N THR C 13 30.96 21.27 -6.19
CA THR C 13 30.41 20.11 -6.90
C THR C 13 29.75 20.52 -8.21
N TRP C 14 28.98 21.61 -8.19
CA TRP C 14 28.36 22.12 -9.41
C TRP C 14 29.42 22.44 -10.48
N GLU C 15 30.48 23.16 -10.10
CA GLU C 15 31.51 23.49 -11.10
C GLU C 15 32.21 22.24 -11.60
N ARG C 16 32.42 21.24 -10.74
CA ARG C 16 33.06 20.02 -11.18
C ARG C 16 32.23 19.33 -12.26
N MET C 17 30.93 19.29 -12.07
CA MET C 17 30.03 18.68 -13.07
C MET C 17 30.24 19.38 -14.41
N TRP C 18 30.18 20.71 -14.44
CA TRP C 18 30.30 21.45 -15.70
C TRP C 18 31.69 21.33 -16.32
N LYS C 19 32.73 21.28 -15.48
CA LYS C 19 34.06 21.02 -16.00
C LYS C 19 34.12 19.65 -16.67
N HIS C 20 33.57 18.64 -16.03
CA HIS C 20 33.50 17.31 -16.65
C HIS C 20 32.81 17.36 -18.01
N VAL C 21 31.69 18.08 -18.10
CA VAL C 21 30.94 18.17 -19.35
C VAL C 21 31.80 18.76 -20.45
N ALA C 22 32.51 19.86 -20.15
CA ALA C 22 33.33 20.53 -21.15
C ALA C 22 34.48 19.66 -21.63
N LYS C 23 34.88 18.65 -20.86
CA LYS C 23 36.03 17.85 -21.27
C LYS C 23 35.64 16.66 -22.14
N ILE C 24 34.44 16.12 -21.97
CA ILE C 24 34.07 14.91 -22.68
C ILE C 24 33.15 15.21 -23.85
N HIS C 25 32.38 16.29 -23.74
CA HIS C 25 31.48 16.61 -24.85
C HIS C 25 32.26 17.34 -25.93
N PRO C 26 32.15 16.92 -27.20
CA PRO C 26 32.91 17.61 -28.25
C PRO C 26 32.63 19.11 -28.29
N ASP C 27 31.37 19.52 -28.20
CA ASP C 27 31.06 20.93 -28.10
C ASP C 27 31.52 21.51 -26.76
N GLY C 28 31.31 20.76 -25.69
CA GLY C 28 31.84 21.12 -24.39
C GLY C 28 31.43 22.50 -23.89
N GLU C 29 32.33 23.47 -24.04
CA GLU C 29 32.06 24.78 -23.44
C GLU C 29 30.77 25.40 -23.96
N LYS C 30 30.34 25.05 -25.18
CA LYS C 30 29.13 25.66 -25.71
C LYS C 30 27.86 25.05 -25.11
N VAL C 31 27.94 23.78 -24.67
CA VAL C 31 26.84 23.20 -23.91
C VAL C 31 26.55 24.05 -22.68
N ALA C 32 27.59 24.34 -21.89
CA ALA C 32 27.42 25.12 -20.69
C ALA C 32 26.95 26.54 -21.01
N GLN C 33 27.52 27.16 -22.03
CA GLN C 33 27.10 28.51 -22.41
C GLN C 33 25.61 28.55 -22.73
N ARG C 34 25.07 27.48 -23.32
CA ARG C 34 23.66 27.49 -23.69
C ARG C 34 22.73 27.21 -22.51
N ILE C 35 23.20 26.55 -21.46
CA ILE C 35 22.36 26.08 -20.37
C ILE C 35 22.52 26.94 -19.11
N ARG C 36 23.76 27.22 -18.71
CA ARG C 36 24.00 27.78 -17.39
C ARG C 36 23.46 29.20 -17.32
N GLY C 37 22.59 29.45 -16.33
CA GLY C 37 21.92 30.72 -16.21
C GLY C 37 20.84 30.99 -17.24
N ALA C 38 20.53 30.01 -18.09
CA ALA C 38 19.56 30.23 -19.16
C ALA C 38 18.16 30.42 -18.61
N THR C 39 17.42 31.38 -19.18
CA THR C 39 16.02 31.58 -18.88
C THR C 39 15.17 30.82 -19.91
N ASP C 40 13.92 30.55 -19.54
CA ASP C 40 13.02 29.79 -20.42
C ASP C 40 13.54 28.38 -20.70
N LEU C 41 14.29 27.78 -19.79
CA LEU C 41 14.51 26.33 -19.87
C LEU C 41 13.19 25.61 -19.63
N PRO C 42 13.02 24.40 -20.18
CA PRO C 42 11.80 23.63 -19.89
C PRO C 42 11.62 23.44 -18.39
N LYS C 43 10.37 23.51 -17.93
CA LYS C 43 10.03 23.19 -16.55
C LYS C 43 9.68 21.71 -16.48
N ILE C 44 10.46 20.94 -15.75
CA ILE C 44 10.22 19.50 -15.63
C ILE C 44 9.21 19.31 -14.52
N PRO C 45 8.05 18.69 -14.80
CA PRO C 45 7.13 18.34 -13.73
C PRO C 45 7.81 17.44 -12.71
N ILE C 46 7.50 17.65 -11.43
CA ILE C 46 7.87 16.67 -10.42
C ILE C 46 7.02 15.44 -10.67
N PRO C 47 7.59 14.30 -11.07
CA PRO C 47 6.76 13.11 -11.27
C PRO C 47 6.01 12.76 -9.99
N SER C 48 4.75 12.36 -10.15
CA SER C 48 3.97 11.97 -9.00
C SER C 48 4.33 10.56 -8.57
N VAL C 49 4.59 10.39 -7.29
CA VAL C 49 4.87 9.07 -6.73
C VAL C 49 3.65 8.18 -6.90
N PRO C 50 3.78 6.99 -7.47
CA PRO C 50 2.59 6.17 -7.70
C PRO C 50 2.02 5.63 -6.39
N THR C 51 0.70 5.62 -6.29
CA THR C 51 0.00 4.99 -5.18
C THR C 51 -1.05 4.06 -5.79
N PHE C 52 -1.52 3.10 -4.99
CA PHE C 52 -2.23 1.96 -5.55
C PHE C 52 -3.54 1.67 -4.83
N GLN C 53 -4.58 1.42 -5.62
CA GLN C 53 -5.82 0.87 -5.10
C GLN C 53 -5.60 -0.56 -4.64
N PRO C 54 -6.25 -0.99 -3.56
CA PRO C 54 -6.14 -2.41 -3.17
C PRO C 54 -6.65 -3.35 -4.24
N SER C 55 -7.46 -2.86 -5.18
CA SER C 55 -7.98 -3.72 -6.23
C SER C 55 -7.01 -3.90 -7.39
N THR C 56 -5.92 -3.13 -7.45
CA THR C 56 -4.97 -3.22 -8.57
C THR C 56 -4.06 -4.43 -8.38
N PRO C 57 -3.99 -5.35 -9.35
CA PRO C 57 -3.11 -6.52 -9.17
C PRO C 57 -1.67 -6.07 -9.05
N VAL C 58 -0.91 -6.81 -8.25
CA VAL C 58 0.49 -6.47 -7.97
C VAL C 58 1.29 -6.30 -9.26
N PRO C 59 1.16 -7.16 -10.28
CA PRO C 59 1.94 -6.94 -11.51
C PRO C 59 1.64 -5.60 -12.19
N GLU C 60 0.39 -5.14 -12.13
CA GLU C 60 0.09 -3.81 -12.66
C GLU C 60 0.70 -2.70 -11.81
N ARG C 61 0.80 -2.91 -10.49
CA ARG C 61 1.50 -1.95 -9.63
C ARG C 61 2.96 -1.82 -10.01
N LEU C 62 3.61 -2.97 -10.28
CA LEU C 62 5.03 -2.96 -10.65
C LEU C 62 5.27 -2.18 -11.95
N GLU C 63 4.37 -2.31 -12.93
CA GLU C 63 4.52 -1.51 -14.13
C GLU C 63 4.58 -0.02 -13.78
N ALA C 64 3.70 0.41 -12.89
CA ALA C 64 3.63 1.82 -12.50
C ALA C 64 4.86 2.24 -11.71
N VAL C 65 5.37 1.35 -10.83
CA VAL C 65 6.65 1.62 -10.16
C VAL C 65 7.76 1.82 -11.19
N GLN C 66 7.89 0.88 -12.14
CA GLN C 66 8.93 0.98 -13.16
C GLN C 66 8.77 2.25 -14.00
N ARG C 67 7.53 2.57 -14.36
CA ARG C 67 7.29 3.80 -15.13
C ARG C 67 7.73 5.04 -14.35
N TYR C 68 7.47 5.08 -13.05
CA TYR C 68 7.95 6.18 -12.21
C TYR C 68 9.47 6.26 -12.23
N ILE C 69 10.13 5.13 -12.01
CA ILE C 69 11.60 5.05 -12.08
C ILE C 69 12.11 5.58 -13.42
N ARG C 70 11.51 5.12 -14.53
CA ARG C 70 11.96 5.57 -15.84
C ARG C 70 11.75 7.08 -16.01
N GLU C 71 10.67 7.61 -15.42
CA GLU C 71 10.35 9.03 -15.61
C GLU C 71 11.43 9.93 -15.01
N LEU C 72 12.13 9.45 -13.98
CA LEU C 72 13.25 10.21 -13.43
C LEU C 72 14.38 10.38 -14.45
N GLN C 73 14.53 9.45 -15.40
CA GLN C 73 15.54 9.48 -16.45
C GLN C 73 16.86 8.92 -15.92
N TYR C 74 17.56 8.18 -16.78
CA TYR C 74 18.92 7.75 -16.52
C TYR C 74 19.85 8.95 -16.40
N ASN C 75 20.71 8.95 -15.39
CA ASN C 75 21.61 10.07 -15.13
C ASN C 75 22.83 9.97 -16.03
N HIS C 76 22.92 10.84 -17.03
CA HIS C 76 24.07 10.91 -17.92
C HIS C 76 24.95 12.13 -17.64
N THR C 77 24.73 12.84 -16.53
CA THR C 77 25.53 14.04 -16.28
C THR C 77 26.94 13.73 -15.79
N GLY C 78 27.21 12.54 -15.26
CA GLY C 78 28.50 12.24 -14.67
C GLY C 78 28.58 12.52 -13.18
N THR C 79 27.57 13.16 -12.60
CA THR C 79 27.52 13.44 -11.17
C THR C 79 26.32 12.69 -10.59
N GLN C 80 26.59 11.81 -9.65
CA GLN C 80 25.52 11.14 -8.91
C GLN C 80 25.05 12.08 -7.81
N PHE C 81 23.75 12.42 -7.83
CA PHE C 81 23.28 13.49 -6.95
C PHE C 81 22.97 13.02 -5.53
N PHE C 82 22.83 11.71 -5.31
CA PHE C 82 22.57 11.16 -3.99
C PHE C 82 23.67 10.19 -3.59
N GLU C 83 24.22 10.36 -2.39
CA GLU C 83 25.20 9.43 -1.83
C GLU C 83 24.48 8.20 -1.29
N ILE C 84 24.83 7.02 -1.78
CA ILE C 84 24.21 5.77 -1.33
C ILE C 84 25.29 4.94 -0.65
N LYS C 85 25.24 4.88 0.67
CA LYS C 85 26.14 4.02 1.43
C LYS C 85 25.43 2.69 1.63
N LYS C 86 25.95 1.65 0.97
CA LYS C 86 25.22 0.39 0.86
C LYS C 86 25.08 -0.34 2.20
N SER C 87 25.98 -0.11 3.15
CA SER C 87 25.90 -0.74 4.45
C SER C 87 25.01 0.01 5.45
N ARG C 88 24.29 1.06 5.03
CA ARG C 88 23.41 1.76 5.95
C ARG C 88 22.24 0.87 6.36
N PRO C 89 21.72 1.05 7.58
CA PRO C 89 20.45 0.41 7.94
C PRO C 89 19.34 0.81 6.98
N LEU C 90 18.41 -0.11 6.75
CA LEU C 90 17.36 0.15 5.77
C LEU C 90 16.63 1.47 6.05
N THR C 91 16.38 1.79 7.32
CA THR C 91 15.60 2.99 7.60
C THR C 91 16.27 4.23 7.01
N GLY C 92 17.61 4.31 7.09
CA GLY C 92 18.32 5.42 6.47
C GLY C 92 18.22 5.45 4.95
N LEU C 93 18.28 4.28 4.32
CA LEU C 93 18.12 4.20 2.86
C LEU C 93 16.72 4.57 2.44
N MET C 94 15.72 4.26 3.27
CA MET C 94 14.36 4.66 2.94
C MET C 94 14.17 6.17 3.10
N ASP C 95 14.80 6.77 4.10
CA ASP C 95 14.83 8.24 4.15
C ASP C 95 15.45 8.79 2.88
N LEU C 96 16.50 8.13 2.37
CA LEU C 96 17.13 8.59 1.14
C LEU C 96 16.17 8.44 -0.03
N ALA C 97 15.42 7.33 -0.06
CA ALA C 97 14.48 7.12 -1.14
C ALA C 97 13.43 8.22 -1.16
N LYS C 98 12.87 8.54 0.01
CA LYS C 98 11.92 9.63 0.10
C LYS C 98 12.51 10.91 -0.49
N GLU C 99 13.74 11.25 -0.08
CA GLU C 99 14.39 12.45 -0.63
C GLU C 99 14.47 12.41 -2.15
N MET C 100 14.79 11.25 -2.71
CA MET C 100 14.85 11.11 -4.17
C MET C 100 13.50 11.41 -4.83
N THR C 101 12.39 10.97 -4.21
CA THR C 101 11.09 11.30 -4.78
C THR C 101 10.73 12.76 -4.57
N LYS C 102 11.28 13.41 -3.54
CA LYS C 102 10.99 14.81 -3.31
C LYS C 102 11.79 15.71 -4.25
N GLU C 103 13.06 15.38 -4.49
CA GLU C 103 13.92 16.22 -5.31
C GLU C 103 13.87 15.86 -6.80
N ALA C 104 13.50 14.62 -7.13
CA ALA C 104 13.22 14.17 -8.50
C ALA C 104 14.35 14.53 -9.46
N LEU C 105 15.50 13.92 -9.22
CA LEU C 105 16.63 14.09 -10.12
C LEU C 105 16.95 12.79 -10.82
N PRO C 106 17.73 12.84 -11.90
CA PRO C 106 18.03 11.62 -12.65
C PRO C 106 18.86 10.67 -11.80
N ILE C 107 18.78 9.39 -12.13
CA ILE C 107 19.36 8.34 -11.32
C ILE C 107 19.96 7.26 -12.22
N LYS C 108 20.73 6.37 -11.57
CA LYS C 108 21.26 5.17 -12.19
C LYS C 108 20.81 3.95 -11.40
N CYS C 109 21.49 2.81 -11.60
CA CYS C 109 20.94 1.50 -11.24
C CYS C 109 20.78 1.33 -9.73
N LEU C 110 21.77 1.77 -8.94
CA LEU C 110 21.70 1.53 -7.49
C LEU C 110 20.61 2.37 -6.84
N GLU C 111 20.55 3.66 -7.18
CA GLU C 111 19.48 4.51 -6.67
C GLU C 111 18.11 3.91 -7.00
N ALA C 112 17.99 3.30 -8.19
CA ALA C 112 16.71 2.75 -8.60
C ALA C 112 16.34 1.49 -7.83
N VAL C 113 17.33 0.71 -7.42
CA VAL C 113 17.05 -0.43 -6.54
C VAL C 113 16.48 0.05 -5.21
N ILE C 114 17.08 1.08 -4.64
CA ILE C 114 16.61 1.63 -3.38
C ILE C 114 15.20 2.20 -3.54
N LEU C 115 14.97 2.91 -4.63
CA LEU C 115 13.63 3.42 -4.90
CA LEU C 115 13.63 3.42 -4.90
C LEU C 115 12.64 2.28 -5.08
N GLY C 116 13.03 1.23 -5.81
CA GLY C 116 12.13 0.11 -6.02
C GLY C 116 11.71 -0.56 -4.72
N ILE C 117 12.64 -0.66 -3.76
CA ILE C 117 12.31 -1.17 -2.44
C ILE C 117 11.33 -0.24 -1.74
N TYR C 118 11.64 1.07 -1.75
CA TYR C 118 10.80 2.05 -1.08
C TYR C 118 9.37 2.01 -1.62
N LEU C 119 9.19 1.80 -2.92
CA LEU C 119 7.86 1.92 -3.53
C LEU C 119 7.08 0.61 -3.50
N THR C 120 7.67 -0.49 -3.02
CA THR C 120 7.01 -1.78 -2.93
C THR C 120 6.95 -2.31 -1.49
N ASN C 121 7.40 -1.53 -0.50
CA ASN C 121 7.19 -1.93 0.90
C ASN C 121 5.71 -2.11 1.23
N SER C 122 4.80 -1.54 0.43
CA SER C 122 3.36 -1.67 0.61
C SER C 122 2.80 -2.95 0.01
N MET C 123 3.66 -3.83 -0.51
CA MET C 123 3.26 -5.06 -1.20
C MET C 123 3.86 -6.26 -0.46
N PRO C 124 3.29 -6.66 0.67
CA PRO C 124 3.88 -7.76 1.45
C PRO C 124 3.89 -9.10 0.73
N THR C 125 3.09 -9.28 -0.32
CA THR C 125 3.13 -10.52 -1.09
C THR C 125 4.17 -10.50 -2.20
N LEU C 126 4.96 -9.45 -2.28
CA LEU C 126 6.04 -9.33 -3.25
C LEU C 126 7.35 -9.41 -2.48
N GLU C 127 8.22 -10.36 -2.85
CA GLU C 127 9.54 -10.34 -2.26
C GLU C 127 10.49 -9.59 -3.19
N ARG C 128 11.43 -8.89 -2.58
CA ARG C 128 12.38 -8.05 -3.32
C ARG C 128 13.77 -8.46 -2.88
N PHE C 129 14.69 -8.60 -3.85
CA PHE C 129 16.05 -8.96 -3.50
C PHE C 129 16.99 -8.45 -4.60
N PRO C 130 18.10 -7.81 -4.22
CA PRO C 130 19.01 -7.29 -5.25
C PRO C 130 19.70 -8.41 -6.04
N ILE C 131 19.94 -8.13 -7.31
CA ILE C 131 20.78 -8.97 -8.16
C ILE C 131 21.80 -8.08 -8.84
N SER C 132 23.08 -8.37 -8.67
CA SER C 132 24.09 -7.58 -9.36
C SER C 132 24.85 -8.48 -10.33
N PHE C 133 25.44 -7.84 -11.34
CA PHE C 133 26.09 -8.52 -12.45
C PHE C 133 27.45 -7.91 -12.66
N LYS C 134 28.45 -8.75 -12.86
CA LYS C 134 29.74 -8.31 -13.34
C LYS C 134 29.93 -8.90 -14.72
N THR C 135 30.12 -8.05 -15.72
CA THR C 135 30.26 -8.50 -17.10
C THR C 135 31.55 -7.96 -17.68
N TYR C 136 31.94 -8.50 -18.82
CA TYR C 136 33.19 -8.18 -19.46
C TYR C 136 32.93 -7.74 -20.88
N PHE C 137 33.57 -6.66 -21.29
CA PHE C 137 33.45 -6.19 -22.67
C PHE C 137 34.70 -5.40 -23.03
N SER C 138 35.39 -5.86 -24.07
CA SER C 138 36.49 -5.12 -24.68
C SER C 138 37.52 -4.67 -23.65
N GLY C 139 38.00 -5.62 -22.85
CA GLY C 139 39.10 -5.38 -21.94
C GLY C 139 38.73 -4.78 -20.60
N ASN C 140 37.45 -4.58 -20.32
CA ASN C 140 37.02 -3.93 -19.08
C ASN C 140 35.86 -4.70 -18.47
N TYR C 141 35.74 -4.59 -17.16
CA TYR C 141 34.63 -5.16 -16.40
C TYR C 141 33.62 -4.07 -16.09
N PHE C 142 32.36 -4.48 -15.99
CA PHE C 142 31.25 -3.56 -15.75
C PHE C 142 30.35 -4.16 -14.68
N ARG C 143 29.80 -3.30 -13.82
CA ARG C 143 28.98 -3.71 -12.70
C ARG C 143 27.60 -3.08 -12.85
N HIS C 144 26.57 -3.91 -12.71
CA HIS C 144 25.18 -3.51 -12.86
C HIS C 144 24.42 -4.17 -11.73
N ILE C 145 23.27 -3.60 -11.38
CA ILE C 145 22.43 -4.13 -10.31
C ILE C 145 20.99 -3.78 -10.62
N VAL C 146 20.09 -4.69 -10.28
CA VAL C 146 18.66 -4.49 -10.43
C VAL C 146 18.02 -5.08 -9.19
N LEU C 147 16.73 -4.80 -9.02
CA LEU C 147 15.96 -5.35 -7.90
C LEU C 147 15.17 -6.54 -8.41
N GLY C 148 15.61 -7.74 -8.05
CA GLY C 148 14.81 -8.91 -8.34
C GLY C 148 13.52 -8.90 -7.55
N VAL C 149 12.46 -9.47 -8.13
CA VAL C 149 11.17 -9.55 -7.45
C VAL C 149 10.53 -10.90 -7.70
N ASN C 150 9.71 -11.32 -6.74
CA ASN C 150 9.00 -12.59 -6.85
C ASN C 150 7.57 -12.35 -6.40
N PHE C 151 6.61 -12.61 -7.29
CA PHE C 151 5.18 -12.50 -6.96
C PHE C 151 4.47 -13.78 -7.40
N ALA C 152 3.65 -14.33 -6.50
CA ALA C 152 2.89 -15.55 -6.77
C ALA C 152 3.74 -16.59 -7.50
N GLY C 153 4.95 -16.81 -6.99
CA GLY C 153 5.79 -17.87 -7.51
C GLY C 153 6.51 -17.58 -8.81
N ARG C 154 6.42 -16.35 -9.33
CA ARG C 154 7.06 -15.99 -10.58
C ARG C 154 8.05 -14.85 -10.34
N TYR C 155 9.09 -14.78 -11.15
CA TYR C 155 10.19 -13.85 -10.93
C TYR C 155 10.18 -12.74 -11.97
N GLY C 156 10.48 -11.51 -11.53
CA GLY C 156 10.68 -10.38 -12.41
C GLY C 156 11.79 -9.47 -11.91
N ALA C 157 11.81 -8.22 -12.37
CA ALA C 157 12.83 -7.29 -11.90
C ALA C 157 12.41 -5.86 -12.19
N LEU C 158 12.85 -4.95 -11.31
CA LEU C 158 12.74 -3.52 -11.49
C LEU C 158 14.14 -2.93 -11.53
N GLY C 159 14.30 -1.75 -12.14
CA GLY C 159 15.62 -1.18 -12.12
C GLY C 159 15.77 -0.05 -13.13
N MET C 160 17.03 0.31 -13.34
CA MET C 160 17.39 1.36 -14.29
C MET C 160 18.67 0.94 -14.98
N SER C 161 18.66 0.99 -16.31
CA SER C 161 19.82 0.69 -17.14
C SER C 161 19.77 1.57 -18.38
N ARG C 162 20.90 1.68 -19.07
CA ARG C 162 20.89 2.27 -20.40
C ARG C 162 20.04 1.45 -21.37
N ARG C 163 19.89 0.16 -21.12
CA ARG C 163 19.25 -0.77 -22.05
C ARG C 163 17.92 -1.28 -21.50
N GLU C 164 16.90 -1.24 -22.36
CA GLU C 164 15.55 -1.68 -21.99
C GLU C 164 15.55 -3.10 -21.45
N ASP C 165 16.36 -3.97 -22.04
CA ASP C 165 16.32 -5.37 -21.64
C ASP C 165 17.30 -5.69 -20.51
N LEU C 166 17.87 -4.69 -19.83
CA LEU C 166 18.68 -4.94 -18.63
C LEU C 166 18.10 -4.24 -17.40
N MET C 167 16.80 -3.99 -17.39
CA MET C 167 16.17 -3.49 -16.17
C MET C 167 14.86 -4.25 -15.93
N TYR C 168 13.76 -3.75 -16.46
CA TYR C 168 12.43 -4.24 -16.12
C TYR C 168 12.14 -5.60 -16.75
N LYS C 169 11.67 -6.54 -15.94
CA LYS C 169 11.14 -7.83 -16.40
C LYS C 169 9.81 -8.05 -15.70
N PRO C 170 8.69 -8.12 -16.41
CA PRO C 170 7.42 -8.49 -15.77
C PRO C 170 7.58 -9.79 -14.99
N PRO C 171 6.88 -9.94 -13.88
CA PRO C 171 7.06 -11.13 -13.03
C PRO C 171 6.36 -12.36 -13.60
N ALA C 172 6.98 -12.94 -14.63
CA ALA C 172 6.43 -14.07 -15.37
C ALA C 172 7.36 -15.26 -15.45
N PHE C 173 8.63 -15.11 -15.10
CA PHE C 173 9.57 -16.22 -15.20
C PHE C 173 9.28 -17.24 -14.12
N ARG C 174 9.17 -18.50 -14.50
CA ARG C 174 8.77 -19.54 -13.56
C ARG C 174 9.86 -19.87 -12.55
N THR C 175 11.12 -19.49 -12.80
CA THR C 175 12.20 -19.80 -11.87
C THR C 175 13.18 -18.64 -11.87
N LEU C 176 14.01 -18.58 -10.81
CA LEU C 176 15.06 -17.57 -10.75
C LEU C 176 16.10 -17.81 -11.84
N SER C 177 16.41 -19.08 -12.10
CA SER C 177 17.29 -19.46 -13.20
C SER C 177 16.87 -18.79 -14.50
N GLU C 178 15.60 -18.95 -14.85
CA GLU C 178 15.12 -18.39 -16.10
C GLU C 178 15.23 -16.88 -16.13
N LEU C 179 14.97 -16.21 -15.00
CA LEU C 179 15.14 -14.77 -14.95
C LEU C 179 16.59 -14.39 -15.22
N VAL C 180 17.52 -15.05 -14.51
CA VAL C 180 18.94 -14.70 -14.65
C VAL C 180 19.46 -15.05 -16.04
N LEU C 181 19.03 -16.18 -16.60
CA LEU C 181 19.45 -16.54 -17.96
C LEU C 181 18.90 -15.55 -18.99
N ASP C 182 17.80 -14.89 -18.69
CA ASP C 182 17.30 -13.85 -19.58
C ASP C 182 18.21 -12.61 -19.56
N PHE C 183 18.70 -12.22 -18.37
CA PHE C 183 19.71 -11.17 -18.31
C PHE C 183 20.99 -11.59 -19.02
N GLU C 184 21.42 -12.84 -18.82
CA GLU C 184 22.63 -13.29 -19.49
C GLU C 184 22.50 -13.16 -21.01
N ALA C 185 21.34 -13.52 -21.55
CA ALA C 185 21.13 -13.46 -22.99
C ALA C 185 21.10 -12.01 -23.49
N ALA C 186 20.44 -11.12 -22.73
CA ALA C 186 20.44 -9.72 -23.14
C ALA C 186 21.86 -9.15 -23.13
N TYR C 187 22.65 -9.49 -22.11
CA TYR C 187 24.05 -9.10 -22.10
C TYR C 187 24.79 -9.65 -23.31
N GLY C 188 24.54 -10.91 -23.65
CA GLY C 188 25.23 -11.51 -24.79
C GLY C 188 24.88 -10.80 -26.08
N ARG C 189 23.63 -10.34 -26.20
CA ARG C 189 23.21 -9.62 -27.40
C ARG C 189 23.94 -8.29 -27.54
N CYS C 190 24.37 -7.67 -26.45
CA CYS C 190 25.18 -6.46 -26.56
C CYS C 190 26.66 -6.74 -26.31
N TRP C 191 27.08 -7.98 -26.56
CA TRP C 191 28.48 -8.39 -26.63
C TRP C 191 29.20 -8.30 -25.28
N HIS C 192 28.45 -8.40 -24.17
CA HIS C 192 29.03 -8.55 -22.85
C HIS C 192 29.06 -10.02 -22.46
N VAL C 193 30.16 -10.45 -21.87
CA VAL C 193 30.27 -11.77 -21.27
C VAL C 193 29.92 -11.67 -19.79
N LEU C 194 28.97 -12.49 -19.34
CA LEU C 194 28.60 -12.49 -17.93
C LEU C 194 29.59 -13.30 -17.12
N LYS C 195 30.20 -12.68 -16.11
CA LYS C 195 31.24 -13.31 -15.30
C LYS C 195 30.76 -13.71 -13.90
N LYS C 196 30.07 -12.82 -13.20
CA LYS C 196 29.57 -13.14 -11.85
C LYS C 196 28.16 -12.62 -11.72
N VAL C 197 27.36 -13.34 -10.93
CA VAL C 197 26.06 -12.91 -10.46
C VAL C 197 26.09 -12.99 -8.94
N LYS C 198 25.74 -11.87 -8.29
CA LYS C 198 25.66 -11.80 -6.83
C LYS C 198 24.22 -11.52 -6.44
N LEU C 199 23.65 -12.38 -5.60
CA LEU C 199 22.24 -12.30 -5.21
C LEU C 199 22.13 -11.96 -3.73
N GLY C 200 21.30 -10.97 -3.42
CA GLY C 200 21.06 -10.64 -2.03
C GLY C 200 19.88 -11.41 -1.42
N GLN C 201 19.70 -11.22 -0.12
CA GLN C 201 18.58 -11.78 0.61
C GLN C 201 17.32 -10.91 0.42
N SER C 202 16.17 -11.46 0.80
CA SER C 202 14.92 -10.71 0.77
CA SER C 202 14.94 -10.69 0.74
C SER C 202 15.02 -9.48 1.67
N VAL C 203 14.39 -8.38 1.23
CA VAL C 203 14.42 -7.12 1.96
C VAL C 203 13.14 -6.94 2.76
N SER C 204 13.27 -6.57 4.03
CA SER C 204 12.13 -6.32 4.88
C SER C 204 11.21 -5.28 4.25
N HIS C 205 9.90 -5.42 4.52
CA HIS C 205 8.92 -4.42 4.11
C HIS C 205 8.71 -3.32 5.16
N ASP C 206 9.44 -3.34 6.27
CA ASP C 206 9.31 -2.32 7.30
C ASP C 206 10.29 -1.20 6.98
N PRO C 207 9.84 -0.03 6.55
CA PRO C 207 10.78 1.05 6.20
C PRO C 207 11.51 1.66 7.40
N HIS C 208 11.15 1.27 8.62
CA HIS C 208 11.89 1.70 9.81
C HIS C 208 12.80 0.59 10.33
N SER C 209 12.96 -0.48 9.56
CA SER C 209 13.85 -1.56 9.97
C SER C 209 15.28 -1.06 10.10
N VAL C 210 15.99 -1.50 11.14
CA VAL C 210 17.39 -1.13 11.28
C VAL C 210 18.32 -2.17 10.67
N GLU C 211 17.80 -3.25 10.11
CA GLU C 211 18.64 -4.24 9.45
C GLU C 211 19.29 -3.68 8.20
N GLN C 212 20.44 -4.24 7.84
CA GLN C 212 21.10 -3.90 6.60
C GLN C 212 20.54 -4.74 5.46
N ILE C 213 20.62 -4.18 4.24
CA ILE C 213 20.41 -5.00 3.06
C ILE C 213 21.62 -5.91 2.89
N GLU C 214 21.39 -7.22 2.81
CA GLU C 214 22.47 -8.17 2.52
C GLU C 214 22.56 -8.32 1.00
N TRP C 215 23.51 -7.57 0.40
CA TRP C 215 23.61 -7.43 -1.06
C TRP C 215 24.22 -8.65 -1.72
N LYS C 216 25.16 -9.31 -1.05
CA LYS C 216 25.99 -10.34 -1.66
C LYS C 216 25.88 -11.62 -0.84
N HIS C 217 24.66 -12.11 -0.65
CA HIS C 217 24.48 -13.37 0.07
C HIS C 217 25.05 -14.56 -0.71
N SER C 218 24.78 -14.64 -2.01
CA SER C 218 25.25 -15.74 -2.86
C SER C 218 26.02 -15.16 -4.03
N VAL C 219 27.20 -15.72 -4.29
CA VAL C 219 28.04 -15.27 -5.40
C VAL C 219 28.28 -16.45 -6.32
N LEU C 220 27.95 -16.30 -7.60
CA LEU C 220 28.03 -17.37 -8.58
CA LEU C 220 28.03 -17.37 -8.58
C LEU C 220 29.03 -17.00 -9.66
N ASP C 221 30.02 -17.87 -9.86
CA ASP C 221 31.06 -17.67 -10.88
C ASP C 221 30.61 -18.38 -12.16
N VAL C 222 30.04 -17.60 -13.07
CA VAL C 222 29.33 -18.18 -14.21
C VAL C 222 30.24 -19.10 -15.00
N GLU C 223 31.47 -18.66 -15.29
CA GLU C 223 32.34 -19.46 -16.14
C GLU C 223 32.90 -20.68 -15.43
N ARG C 224 33.09 -20.62 -14.10
CA ARG C 224 33.63 -21.76 -13.37
C ARG C 224 32.59 -22.84 -13.10
N LEU C 225 31.31 -22.51 -13.20
CA LEU C 225 30.22 -23.43 -12.85
C LEU C 225 29.77 -24.29 -14.02
N GLY C 226 29.63 -23.72 -15.20
CA GLY C 226 28.97 -24.40 -16.28
C GLY C 226 27.46 -24.37 -16.13
N ARG C 227 26.77 -24.58 -17.25
CA ARG C 227 25.34 -24.29 -17.31
C ARG C 227 24.55 -25.05 -16.25
N ASP C 228 24.85 -26.33 -16.04
CA ASP C 228 24.05 -27.14 -15.14
C ASP C 228 24.19 -26.67 -13.69
N ASP C 229 25.43 -26.56 -13.21
CA ASP C 229 25.66 -26.11 -11.83
C ASP C 229 25.22 -24.66 -11.64
N PHE C 230 25.23 -23.86 -12.70
CA PHE C 230 24.76 -22.48 -12.59
C PHE C 230 23.29 -22.44 -12.19
N ARG C 231 22.46 -23.26 -12.84
CA ARG C 231 21.05 -23.33 -12.48
C ARG C 231 20.86 -23.92 -11.08
N LYS C 232 21.62 -24.97 -10.75
CA LYS C 232 21.53 -25.57 -9.43
C LYS C 232 21.69 -24.52 -8.34
N GLU C 233 22.76 -23.73 -8.42
CA GLU C 233 23.04 -22.76 -7.37
C GLU C 233 22.02 -21.62 -7.37
N LEU C 234 21.51 -21.24 -8.54
CA LEU C 234 20.42 -20.27 -8.59
C LEU C 234 19.18 -20.83 -7.90
N GLU C 235 18.85 -22.09 -8.15
CA GLU C 235 17.69 -22.68 -7.49
C GLU C 235 17.91 -22.84 -5.99
N ARG C 236 19.17 -22.88 -5.54
CA ARG C 236 19.44 -22.93 -4.12
C ARG C 236 19.26 -21.57 -3.47
N HIS C 237 19.82 -20.51 -4.07
CA HIS C 237 19.58 -19.17 -3.53
C HIS C 237 18.09 -18.91 -3.39
N ALA C 238 17.30 -19.35 -4.38
CA ALA C 238 15.85 -19.17 -4.31
C ALA C 238 15.28 -19.84 -3.07
N ARG C 239 15.82 -21.02 -2.71
CA ARG C 239 15.33 -21.73 -1.52
C ARG C 239 15.79 -21.04 -0.23
N ASP C 240 17.00 -20.49 -0.21
CA ASP C 240 17.45 -19.72 0.95
C ASP C 240 16.56 -18.51 1.20
N MET C 241 15.92 -17.96 0.16
CA MET C 241 15.01 -16.85 0.35
C MET C 241 13.61 -17.29 0.78
N ARG C 242 13.34 -18.59 0.81
CA ARG C 242 12.02 -19.10 1.17
C ARG C 242 12.01 -19.63 2.60
N LYS D 1 8.84 31.43 -2.17
CA LYS D 1 9.73 30.32 -1.83
C LYS D 1 11.05 30.85 -1.29
N SER D 2 11.84 29.96 -0.69
CA SER D 2 13.13 30.34 -0.13
C SER D 2 14.20 30.39 -1.22
N ALA D 3 15.35 30.96 -0.86
CA ALA D 3 16.50 30.92 -1.77
C ALA D 3 17.02 29.50 -1.94
N GLN D 4 16.86 28.66 -0.92
CA GLN D 4 17.25 27.26 -1.04
C GLN D 4 16.37 26.53 -2.05
N GLN D 5 15.04 26.62 -1.87
CA GLN D 5 14.13 26.04 -2.83
C GLN D 5 14.34 26.62 -4.24
N GLU D 6 14.48 27.94 -4.32
CA GLU D 6 14.78 28.57 -5.60
C GLU D 6 16.06 27.99 -6.22
N LEU D 7 17.09 27.78 -5.39
CA LEU D 7 18.34 27.21 -5.90
CA LEU D 7 18.32 27.22 -5.93
C LEU D 7 18.11 25.82 -6.46
N LYS D 8 17.37 24.97 -5.73
CA LYS D 8 17.17 23.61 -6.20
C LYS D 8 16.38 23.59 -7.52
N GLN D 9 15.43 24.50 -7.67
CA GLN D 9 14.63 24.55 -8.88
C GLN D 9 15.48 24.98 -10.08
N ARG D 10 16.31 26.01 -9.89
CA ARG D 10 17.19 26.44 -10.97
CA ARG D 10 17.20 26.44 -10.97
C ARG D 10 18.17 25.34 -11.34
N GLN D 11 18.77 24.68 -10.34
CA GLN D 11 19.69 23.58 -10.63
C GLN D 11 18.97 22.43 -11.33
N ARG D 12 17.78 22.09 -10.86
CA ARG D 12 17.09 20.94 -11.45
C ARG D 12 16.75 21.18 -12.92
N ALA D 13 16.23 22.37 -13.24
CA ALA D 13 16.01 22.69 -14.66
C ALA D 13 17.29 22.54 -15.47
N GLU D 14 18.44 22.96 -14.91
CA GLU D 14 19.69 22.88 -15.66
C GLU D 14 20.18 21.45 -15.76
N ILE D 15 20.01 20.68 -14.68
CA ILE D 15 20.40 19.27 -14.71
C ILE D 15 19.67 18.53 -15.82
N TYR D 16 18.35 18.72 -15.92
CA TYR D 16 17.60 17.98 -16.94
C TYR D 16 17.93 18.48 -18.34
N ALA D 17 18.16 19.79 -18.50
CA ALA D 17 18.59 20.31 -19.80
C ALA D 17 19.93 19.70 -20.20
N LEU D 18 20.86 19.64 -19.25
CA LEU D 18 22.14 18.98 -19.52
C LEU D 18 21.96 17.49 -19.75
N ASN D 19 21.07 16.84 -18.99
CA ASN D 19 20.93 15.41 -19.12
C ASN D 19 20.40 15.02 -20.50
N ARG D 20 19.54 15.86 -21.09
CA ARG D 20 19.10 15.59 -22.44
C ARG D 20 20.26 15.67 -23.42
N VAL D 21 21.09 16.70 -23.28
CA VAL D 21 22.25 16.83 -24.17
C VAL D 21 23.18 15.64 -24.02
N MET D 22 23.47 15.27 -22.79
CA MET D 22 24.42 14.16 -22.56
C MET D 22 23.80 12.84 -23.03
N THR D 23 22.49 12.71 -22.97
CA THR D 23 21.82 11.47 -23.44
C THR D 23 22.04 11.34 -24.93
N GLU D 24 21.89 12.44 -25.66
CA GLU D 24 22.15 12.50 -27.12
C GLU D 24 23.62 12.16 -27.36
N LEU D 25 24.53 12.64 -26.52
CA LEU D 25 25.98 12.32 -26.60
C LEU D 25 26.21 10.83 -26.31
N GLU D 26 25.47 10.24 -25.39
CA GLU D 26 25.71 8.83 -24.99
C GLU D 26 25.55 7.88 -26.19
N GLN D 27 24.62 8.14 -27.11
CA GLN D 27 24.35 7.37 -28.37
C GLN D 27 23.60 6.06 -28.06
C11 M4Y E . -23.83 -3.00 14.90
C12 M4Y E . -23.12 -1.74 14.50
C13 M4Y E . -23.12 -4.23 14.40
C14 M4Y E . -26.95 -2.02 19.06
C1 M4Y E . -24.78 -2.47 20.22
C10 M4Y E . -25.63 -2.72 19.24
C15 M4Y E . -25.06 0.86 18.61
C2 M4Y E . -24.60 -1.18 20.96
C3 M4Y E . -23.52 -0.29 20.30
C4 M4Y E . -23.83 0.02 18.86
C5 M4Y E . -23.28 -0.91 17.88
C6 M4Y E . -23.93 -1.31 16.60
C7 M4Y E . -24.03 -2.83 16.41
C8 M4Y E . -25.32 -3.53 16.86
C9 M4Y E . -25.43 -3.91 18.35
O1 M4Y E . -23.01 -0.90 15.55
O2 M4Y E . -22.67 -1.44 13.43
O3 M4Y E . -22.71 0.38 18.01
H13C M4Y E . -23.75 -4.81 13.95
H2 M4Y E . -22.71 -4.69 15.15
H14B M4Y E . -27.30 -2.22 18.17
H14C M4Y E . -26.82 -1.06 19.14
H14A M4Y E . -27.58 -2.32 19.73
H1 M4Y E . -24.23 -3.18 20.49
H15B M4Y E . -25.83 0.45 19.05
H15C M4Y E . -25.23 0.91 17.66
H15A M4Y E . -24.93 1.75 18.96
H2A M4Y E . -24.35 -1.36 21.88
H2B M4Y E . -25.45 -0.70 20.97
H3B M4Y E . -22.67 -0.76 20.35
H3A M4Y E . -23.43 0.53 20.80
H5 M4Y E . -22.74 -1.62 18.27
H6 M4Y E . -24.79 -0.88 16.51
H7 M4Y E . -23.27 -3.22 16.87
H8A M4Y E . -26.07 -2.94 16.66
H8B M4Y E . -25.44 -4.33 16.33
H9A M4Y E . -26.17 -4.52 18.46
H9B M4Y E . -24.61 -4.37 18.61
C1 GOL F . 1.07 -11.02 6.91
O1 GOL F . 0.88 -11.71 5.71
C2 GOL F . 0.27 -11.76 8.00
O2 GOL F . 0.86 -12.95 8.38
C3 GOL F . 0.15 -10.74 9.19
O3 GOL F . 1.46 -10.49 9.64
S SO4 G . -19.70 -12.96 18.12
O1 SO4 G . -20.32 -11.65 18.27
O2 SO4 G . -20.19 -13.91 19.13
O3 SO4 G . -19.97 -13.50 16.78
O4 SO4 G . -18.26 -12.81 18.34
S SO4 H . -34.10 -13.95 5.68
O1 SO4 H . -35.44 -14.51 5.65
O2 SO4 H . -33.86 -13.40 7.03
O3 SO4 H . -33.96 -12.88 4.70
O4 SO4 H . -33.11 -14.99 5.38
S SO4 I . -22.29 -15.91 23.81
O1 SO4 I . -23.69 -15.87 23.38
O2 SO4 I . -22.22 -15.81 25.26
O3 SO4 I . -21.58 -14.78 23.22
O4 SO4 I . -21.64 -17.14 23.38
C11 M4Y J . 24.51 1.55 -14.32
C12 M4Y J . 23.09 1.69 -14.79
C13 M4Y J . 24.62 1.13 -12.88
C14 M4Y J . 27.90 0.38 -18.19
C1 M4Y J . 27.12 -1.81 -17.26
C10 M4Y J . 27.63 -0.60 -17.09
C15 M4Y J . 24.54 -0.30 -19.50
C2 M4Y J . 26.57 -2.40 -18.54
C3 M4Y J . 25.03 -2.57 -18.42
C4 M4Y J . 24.35 -1.23 -18.34
C5 M4Y J . 24.08 -0.76 -16.98
C6 M4Y J . 24.19 0.64 -16.50
C7 M4Y J . 25.19 0.65 -15.34
C8 M4Y J . 26.66 1.09 -15.52
C9 M4Y J . 27.72 -0.02 -15.71
O1 M4Y J . 22.91 0.97 -15.90
O2 M4Y J . 22.20 2.34 -14.32
O3 M4Y J . 22.99 -1.21 -17.80
H13C M4Y J . 24.69 1.91 -12.30
H2 M4Y J . 25.41 0.58 -12.75
H14B M4Y J . 27.82 1.28 -17.85
H14C M4Y J . 27.26 0.25 -18.91
H14A M4Y J . 28.80 0.24 -18.54
H1 M4Y J . 27.11 -2.36 -16.51
H15B M4Y J . 25.48 -0.12 -19.62
H15C M4Y J . 24.06 0.53 -19.34
H15A M4Y J . 24.19 -0.72 -20.32
H2A M4Y J . 26.98 -3.26 -18.70
H2B M4Y J . 26.78 -1.82 -19.27
H3B M4Y J . 24.83 -3.09 -17.64
H3A M4Y J . 24.71 -3.07 -19.20
H5 M4Y J . 24.29 -1.41 -16.29
H6 M4Y J . 24.36 1.30 -17.19
H7 M4Y J . 25.20 -0.29 -15.06
H8A M4Y J . 26.71 1.69 -16.28
H8B M4Y J . 26.91 1.60 -14.73
H9A M4Y J . 28.60 0.36 -15.57
H9B M4Y J . 27.57 -0.71 -15.05
S SO4 K . 34.28 -9.40 -7.93
O1 SO4 K . 33.00 -8.86 -8.35
O2 SO4 K . 34.07 -10.31 -6.79
O3 SO4 K . 34.91 -10.15 -9.00
O4 SO4 K . 35.12 -8.27 -7.55
S SO4 L . 28.79 -5.49 -6.51
O1 SO4 L . 28.76 -4.21 -5.79
O2 SO4 L . 27.76 -6.40 -6.00
O3 SO4 L . 30.12 -6.09 -6.37
O4 SO4 L . 28.52 -5.25 -7.93
S SO4 M . 33.98 9.78 -5.53
O1 SO4 M . 33.74 11.23 -5.56
O2 SO4 M . 32.72 9.07 -5.41
O3 SO4 M . 34.63 9.37 -6.77
O4 SO4 M . 34.82 9.46 -4.38
#